data_2VNJ
#
_entry.id   2VNJ
#
_cell.length_a   68.720
_cell.length_b   68.720
_cell.length_c   128.150
_cell.angle_alpha   90.00
_cell.angle_beta   90.00
_cell.angle_gamma   120.00
#
_symmetry.space_group_name_H-M   'P 31 2 1'
#
loop_
_entity.id
_entity.type
_entity.pdbx_description
1 polymer 'NADPH\:FERREDOXIN REDUCTASE'
2 non-polymer 'FLAVIN-ADENINE DINUCLEOTIDE'
3 non-polymer 'NADP NICOTINAMIDE-ADENINE-DINUCLEOTIDE PHOSPHATE'
4 non-polymer 'heptyl 1-thio-beta-D-glucopyranoside'
5 water water
#
_entity_poly.entity_id   1
_entity_poly.type   'polypeptide(L)'
_entity_poly.pdbx_seq_one_letter_code
;TTVNETTPIAPAKVLPDAQTVTSVRHWTDTLFSFRVTRPQTLRFRSGEFVMIGLLDDNGKPIMRAYSIASPAWDEELEFY
SIKVPDGPLTSRLQHIKVGEQIILRPKPVGTLVIDALLPGKRLWFLATGTGIAPFASLMREPEAYEKFDEVIMMHACRTV
AELEYGRQLVEALQEDPLIGELVEGKLKYYPTTTREEFHHMGRITDNLASGKVFEDLGIAPMNPETDRAMVCGSLAFNVD
VMKVLESYGLREGANSEPREFVVEKAFVGEGI
;
_entity_poly.pdbx_strand_id   A
#
loop_
_chem_comp.id
_chem_comp.type
_chem_comp.name
_chem_comp.formula
FAD non-polymer 'FLAVIN-ADENINE DINUCLEOTIDE' 'C27 H33 N9 O15 P2'
HTG D-saccharide 'heptyl 1-thio-beta-D-glucopyranoside' 'C13 H26 O5 S'
NAP non-polymer 'NADP NICOTINAMIDE-ADENINE-DINUCLEOTIDE PHOSPHATE' 'C21 H28 N7 O17 P3'
#
# COMPACT_ATOMS: atom_id res chain seq x y z
N PRO A 16 16.27 21.01 2.78
CA PRO A 16 15.29 21.44 1.76
C PRO A 16 13.92 21.69 2.38
N ASP A 17 12.89 21.13 1.75
CA ASP A 17 11.53 21.26 2.24
C ASP A 17 11.45 20.42 3.50
N ALA A 18 11.27 21.06 4.64
CA ALA A 18 11.21 20.35 5.90
C ALA A 18 9.80 20.22 6.47
N GLN A 19 9.53 19.07 7.06
CA GLN A 19 8.24 18.81 7.68
C GLN A 19 8.52 18.19 9.05
N THR A 20 7.59 18.35 9.98
CA THR A 20 7.79 17.84 11.33
C THR A 20 7.02 16.59 11.67
N VAL A 21 7.70 15.66 12.33
CA VAL A 21 7.11 14.39 12.75
C VAL A 21 6.18 14.69 13.92
N THR A 22 4.93 14.24 13.79
CA THR A 22 3.93 14.47 14.83
C THR A 22 3.68 13.23 15.70
N SER A 23 3.87 12.05 15.14
CA SER A 23 3.68 10.80 15.90
C SER A 23 4.50 9.68 15.28
N VAL A 24 4.87 8.72 16.12
CA VAL A 24 5.64 7.56 15.69
C VAL A 24 5.15 6.29 16.38
N ARG A 25 5.12 5.18 15.64
CA ARG A 25 4.69 3.89 16.17
C ARG A 25 5.55 2.80 15.57
N HIS A 26 6.20 2.02 16.41
CA HIS A 26 7.02 0.92 15.92
C HIS A 26 6.15 -0.33 15.99
N TRP A 27 6.10 -1.08 14.90
CA TRP A 27 5.27 -2.28 14.85
C TRP A 27 6.06 -3.52 15.15
N THR A 28 7.30 -3.56 14.66
CA THR A 28 8.21 -4.68 14.91
C THR A 28 9.61 -4.10 14.87
N ASP A 29 10.62 -4.96 15.04
CA ASP A 29 12.00 -4.50 15.03
C ASP A 29 12.41 -4.04 13.63
N THR A 30 11.57 -4.34 12.64
CA THR A 30 11.86 -3.96 11.27
C THR A 30 10.75 -3.13 10.61
N LEU A 31 9.74 -2.73 11.38
CA LEU A 31 8.64 -1.96 10.81
C LEU A 31 8.11 -0.87 11.71
N PHE A 32 7.91 0.32 11.15
CA PHE A 32 7.36 1.43 11.94
C PHE A 32 6.63 2.41 11.04
N SER A 33 5.72 3.17 11.62
CA SER A 33 4.99 4.18 10.87
C SER A 33 5.12 5.50 11.61
N PHE A 34 4.94 6.59 10.89
CA PHE A 34 5.03 7.91 11.52
C PHE A 34 4.22 8.90 10.71
N ARG A 35 3.75 9.95 11.36
CA ARG A 35 2.96 10.96 10.66
C ARG A 35 3.70 12.29 10.73
N VAL A 36 3.62 13.07 9.66
CA VAL A 36 4.30 14.36 9.60
C VAL A 36 3.34 15.46 9.17
N THR A 37 3.75 16.71 9.37
CA THR A 37 2.93 17.84 8.97
C THR A 37 2.89 17.86 7.45
N ARG A 38 1.78 18.35 6.89
CA ARG A 38 1.64 18.41 5.44
C ARG A 38 1.88 19.78 4.83
N PRO A 39 2.65 19.83 3.73
CA PRO A 39 2.93 21.11 3.07
C PRO A 39 1.59 21.71 2.65
N GLN A 40 1.37 22.97 3.00
CA GLN A 40 0.12 23.65 2.66
C GLN A 40 -0.19 23.61 1.17
N THR A 41 0.83 23.39 0.35
CA THR A 41 0.66 23.34 -1.10
C THR A 41 0.36 21.95 -1.67
N LEU A 42 0.59 20.92 -0.87
CA LEU A 42 0.39 19.54 -1.31
C LEU A 42 -1.02 19.16 -1.74
N ARG A 43 -1.10 18.58 -2.93
CA ARG A 43 -2.35 18.09 -3.51
C ARG A 43 -1.93 16.80 -4.18
N PHE A 44 -2.53 15.68 -3.78
CA PHE A 44 -2.16 14.41 -4.40
C PHE A 44 -3.33 13.45 -4.47
N ARG A 45 -3.15 12.38 -5.22
CA ARG A 45 -4.16 11.36 -5.38
C ARG A 45 -3.77 10.14 -4.54
N SER A 46 -4.71 9.68 -3.71
CA SER A 46 -4.48 8.52 -2.84
C SER A 46 -3.76 7.43 -3.62
N GLY A 47 -2.62 7.00 -3.10
CA GLY A 47 -1.85 5.96 -3.76
C GLY A 47 -0.53 6.43 -4.33
N GLU A 48 -0.38 7.73 -4.58
CA GLU A 48 0.88 8.24 -5.15
C GLU A 48 1.99 8.27 -4.09
N PHE A 49 3.23 8.44 -4.54
CA PHE A 49 4.36 8.51 -3.62
C PHE A 49 5.16 9.80 -3.82
N VAL A 50 6.02 10.10 -2.84
CA VAL A 50 6.86 11.28 -2.90
C VAL A 50 8.23 10.91 -2.38
N MET A 51 9.19 11.81 -2.53
CA MET A 51 10.54 11.56 -2.07
C MET A 51 10.72 12.21 -0.70
N ILE A 52 11.27 11.46 0.24
CA ILE A 52 11.52 11.98 1.57
C ILE A 52 12.95 11.62 1.92
N GLY A 53 13.53 12.30 2.91
CA GLY A 53 14.88 11.97 3.28
C GLY A 53 15.46 12.72 4.46
N LEU A 54 16.69 12.37 4.80
CA LEU A 54 17.42 12.99 5.89
C LEU A 54 18.79 13.36 5.35
N LEU A 55 19.48 14.26 6.05
CA LEU A 55 20.81 14.66 5.63
C LEU A 55 21.81 13.65 6.18
N ASP A 56 22.83 13.31 5.40
CA ASP A 56 23.81 12.36 5.88
C ASP A 56 24.82 13.11 6.74
N ASP A 57 25.88 12.44 7.16
CA ASP A 57 26.86 13.07 8.03
C ASP A 57 27.62 14.24 7.41
N ASN A 58 27.61 14.34 6.09
CA ASN A 58 28.30 15.44 5.42
C ASN A 58 27.31 16.52 5.03
N GLY A 59 26.06 16.36 5.47
CA GLY A 59 25.05 17.35 5.17
C GLY A 59 24.42 17.19 3.80
N LYS A 60 24.60 16.02 3.19
CA LYS A 60 24.05 15.74 1.87
C LYS A 60 22.78 14.86 2.00
N PRO A 61 21.74 15.19 1.23
CA PRO A 61 20.46 14.49 1.22
C PRO A 61 20.49 13.01 0.90
N ILE A 62 19.78 12.22 1.71
CA ILE A 62 19.64 10.79 1.50
C ILE A 62 18.16 10.70 1.14
N MET A 63 17.86 10.63 -0.15
CA MET A 63 16.48 10.61 -0.61
C MET A 63 15.95 9.23 -1.01
N ARG A 64 14.69 8.98 -0.66
CA ARG A 64 14.05 7.71 -0.96
C ARG A 64 12.58 7.92 -1.22
N ALA A 65 12.04 7.17 -2.18
CA ALA A 65 10.62 7.27 -2.52
C ALA A 65 9.81 6.54 -1.46
N TYR A 66 8.66 7.11 -1.11
CA TYR A 66 7.75 6.53 -0.13
C TYR A 66 6.31 6.80 -0.53
N SER A 67 5.47 5.78 -0.45
CA SER A 67 4.06 5.94 -0.77
C SER A 67 3.48 6.73 0.40
N ILE A 68 2.55 7.63 0.13
CA ILE A 68 1.93 8.35 1.22
C ILE A 68 0.89 7.36 1.72
N ALA A 69 1.06 6.87 2.95
CA ALA A 69 0.15 5.88 3.53
C ALA A 69 -1.22 6.41 3.94
N SER A 70 -1.34 7.74 4.06
CA SER A 70 -2.60 8.36 4.44
C SER A 70 -3.41 8.73 3.19
N PRO A 71 -4.75 8.82 3.32
CA PRO A 71 -5.61 9.17 2.20
C PRO A 71 -5.36 10.63 1.79
N ALA A 72 -5.74 10.98 0.57
CA ALA A 72 -5.52 12.33 0.06
C ALA A 72 -6.18 13.44 0.87
N TRP A 73 -7.27 13.11 1.56
CA TRP A 73 -7.99 14.10 2.35
C TRP A 73 -7.47 14.32 3.77
N ASP A 74 -6.59 13.44 4.26
CA ASP A 74 -6.09 13.57 5.62
C ASP A 74 -5.21 14.82 5.79
N GLU A 75 -5.49 15.58 6.85
CA GLU A 75 -4.73 16.81 7.11
C GLU A 75 -3.25 16.56 7.36
N GLU A 76 -2.91 15.37 7.84
CA GLU A 76 -1.52 14.99 8.10
C GLU A 76 -1.08 13.91 7.14
N LEU A 77 0.22 13.68 7.07
CA LEU A 77 0.76 12.65 6.19
C LEU A 77 1.33 11.49 7.01
N GLU A 78 1.05 10.28 6.57
CA GLU A 78 1.55 9.10 7.26
C GLU A 78 2.37 8.22 6.34
N PHE A 79 3.37 7.56 6.91
CA PHE A 79 4.24 6.68 6.13
C PHE A 79 4.44 5.37 6.88
N TYR A 80 4.49 4.28 6.12
CA TYR A 80 4.74 2.97 6.70
C TYR A 80 6.12 2.63 6.17
N SER A 81 7.07 2.46 7.08
CA SER A 81 8.46 2.22 6.68
C SER A 81 9.15 0.99 7.23
N ILE A 82 10.05 0.46 6.41
CA ILE A 82 10.84 -0.68 6.83
C ILE A 82 12.00 -0.10 7.63
N LYS A 83 12.75 -0.97 8.30
CA LYS A 83 13.91 -0.56 9.08
C LYS A 83 15.04 -1.49 8.69
N VAL A 84 15.93 -1.01 7.84
CA VAL A 84 17.05 -1.81 7.38
C VAL A 84 18.31 -1.43 8.14
N PRO A 85 18.86 -2.36 8.94
CA PRO A 85 20.08 -1.96 9.65
C PRO A 85 21.13 -1.79 8.55
N ASP A 86 21.87 -0.69 8.57
CA ASP A 86 22.87 -0.42 7.54
C ASP A 86 22.21 0.21 6.31
N GLY A 87 20.91 0.45 6.40
CA GLY A 87 20.20 1.09 5.31
C GLY A 87 20.50 2.58 5.44
N PRO A 88 21.18 3.19 4.46
CA PRO A 88 21.51 4.63 4.54
C PRO A 88 20.42 5.51 5.14
N LEU A 89 19.19 5.38 4.66
CA LEU A 89 18.13 6.21 5.19
C LEU A 89 17.41 5.66 6.44
N THR A 90 16.92 4.43 6.38
CA THR A 90 16.18 3.90 7.53
C THR A 90 16.97 3.56 8.79
N SER A 91 18.28 3.38 8.66
CA SER A 91 19.07 3.13 9.87
C SER A 91 18.99 4.41 10.70
N ARG A 92 18.77 5.53 10.01
CA ARG A 92 18.66 6.83 10.65
C ARG A 92 17.20 7.15 11.00
N LEU A 93 16.34 7.04 10.00
CA LEU A 93 14.91 7.34 10.17
C LEU A 93 14.23 6.55 11.31
N GLN A 94 14.72 5.34 11.57
CA GLN A 94 14.14 4.50 12.61
C GLN A 94 14.27 5.10 14.01
N HIS A 95 15.06 6.17 14.15
CA HIS A 95 15.25 6.82 15.44
C HIS A 95 14.50 8.13 15.51
N ILE A 96 13.77 8.47 14.45
CA ILE A 96 13.05 9.72 14.40
C ILE A 96 12.09 9.86 15.59
N LYS A 97 11.96 11.09 16.09
CA LYS A 97 11.11 11.37 17.25
C LYS A 97 10.15 12.51 16.96
N VAL A 98 9.04 12.56 17.70
CA VAL A 98 8.06 13.61 17.53
C VAL A 98 8.77 14.94 17.72
N GLY A 99 8.55 15.88 16.81
CA GLY A 99 9.20 17.17 16.93
C GLY A 99 10.38 17.33 15.99
N GLU A 100 11.03 16.22 15.64
CA GLU A 100 12.16 16.27 14.74
C GLU A 100 11.62 16.44 13.31
N GLN A 101 12.50 16.55 12.33
CA GLN A 101 12.03 16.75 10.96
C GLN A 101 12.65 15.85 9.90
N ILE A 102 12.00 15.84 8.75
CA ILE A 102 12.45 15.07 7.59
C ILE A 102 12.30 15.96 6.38
N ILE A 103 12.97 15.59 5.30
CA ILE A 103 12.86 16.32 4.06
C ILE A 103 11.66 15.67 3.34
N LEU A 104 10.70 16.48 2.91
CA LEU A 104 9.55 15.96 2.18
C LEU A 104 9.25 16.82 0.97
N ARG A 105 9.60 16.32 -0.21
CA ARG A 105 9.36 17.04 -1.46
C ARG A 105 7.99 16.74 -2.04
N PRO A 106 7.12 17.76 -2.06
CA PRO A 106 5.74 17.67 -2.55
C PRO A 106 5.56 17.56 -4.06
N LYS A 107 6.19 16.55 -4.65
CA LYS A 107 6.06 16.30 -6.07
C LYS A 107 5.46 14.89 -6.19
N PRO A 108 4.17 14.73 -5.87
CA PRO A 108 3.51 13.43 -5.93
C PRO A 108 3.36 12.83 -7.32
N VAL A 109 3.73 11.55 -7.43
CA VAL A 109 3.62 10.81 -8.69
C VAL A 109 3.35 9.33 -8.37
N GLY A 110 3.18 8.53 -9.42
CA GLY A 110 2.92 7.10 -9.22
C GLY A 110 1.78 6.56 -10.06
N THR A 111 1.82 5.27 -10.35
CA THR A 111 0.78 4.63 -11.16
C THR A 111 -0.37 3.99 -10.38
N LEU A 112 -0.20 3.88 -9.05
CA LEU A 112 -1.23 3.28 -8.21
C LEU A 112 -2.36 4.27 -7.92
N VAL A 113 -3.07 4.68 -8.97
CA VAL A 113 -4.17 5.61 -8.82
C VAL A 113 -5.40 5.14 -9.59
N ILE A 114 -6.57 5.32 -8.98
CA ILE A 114 -7.83 4.91 -9.57
C ILE A 114 -8.02 5.45 -10.99
N ASP A 115 -7.59 6.69 -11.23
CA ASP A 115 -7.72 7.29 -12.55
C ASP A 115 -6.95 6.50 -13.60
N ALA A 116 -5.96 5.72 -13.15
CA ALA A 116 -5.14 4.93 -14.07
C ALA A 116 -5.79 3.59 -14.41
N LEU A 117 -7.03 3.42 -13.97
CA LEU A 117 -7.76 2.18 -14.22
C LEU A 117 -9.12 2.46 -14.85
N LEU A 118 -9.50 1.64 -15.81
CA LEU A 118 -10.80 1.79 -16.45
C LEU A 118 -11.85 1.57 -15.38
N PRO A 119 -13.00 2.23 -15.49
CA PRO A 119 -13.98 1.97 -14.44
C PRO A 119 -14.34 0.49 -14.46
N GLY A 120 -14.71 -0.04 -13.29
CA GLY A 120 -15.08 -1.43 -13.19
C GLY A 120 -15.99 -1.59 -11.99
N LYS A 121 -16.11 -2.82 -11.48
CA LYS A 121 -16.95 -3.05 -10.32
C LYS A 121 -16.23 -3.68 -9.13
N ARG A 122 -15.05 -4.24 -9.40
CA ARG A 122 -14.27 -4.87 -8.35
C ARG A 122 -12.81 -4.43 -8.42
N LEU A 123 -12.31 -3.86 -7.33
CA LEU A 123 -10.92 -3.38 -7.27
C LEU A 123 -10.07 -4.22 -6.33
N TRP A 124 -8.95 -4.73 -6.84
CA TRP A 124 -8.06 -5.56 -6.04
C TRP A 124 -6.75 -4.84 -5.71
N PHE A 125 -6.36 -4.91 -4.44
CA PHE A 125 -5.10 -4.33 -3.99
C PHE A 125 -4.30 -5.57 -3.62
N LEU A 126 -3.25 -5.84 -4.38
CA LEU A 126 -2.40 -7.00 -4.16
C LEU A 126 -1.03 -6.55 -3.65
N ALA A 127 -0.75 -6.80 -2.37
CA ALA A 127 0.50 -6.35 -1.77
C ALA A 127 1.25 -7.32 -0.86
N THR A 128 2.57 -7.12 -0.77
CA THR A 128 3.41 -7.94 0.10
C THR A 128 4.26 -6.97 0.90
N GLY A 129 4.60 -7.33 2.14
CA GLY A 129 5.44 -6.46 2.96
C GLY A 129 4.94 -5.03 3.05
N THR A 130 5.86 -4.07 2.99
CA THR A 130 5.47 -2.66 3.07
C THR A 130 4.64 -2.19 1.87
N GLY A 131 4.49 -3.05 0.88
CA GLY A 131 3.71 -2.69 -0.30
C GLY A 131 2.26 -2.35 0.03
N ILE A 132 1.85 -2.50 1.29
CA ILE A 132 0.49 -2.17 1.66
C ILE A 132 0.35 -0.66 1.89
N ALA A 133 1.49 0.03 1.99
CA ALA A 133 1.49 1.48 2.24
C ALA A 133 0.55 2.28 1.33
N PRO A 134 0.68 2.15 0.01
CA PRO A 134 -0.21 2.90 -0.87
C PRO A 134 -1.68 2.46 -0.72
N PHE A 135 -1.90 1.27 -0.19
CA PHE A 135 -3.25 0.79 -0.02
C PHE A 135 -3.83 1.22 1.31
N ALA A 136 -2.95 1.54 2.25
CA ALA A 136 -3.41 2.05 3.54
C ALA A 136 -4.04 3.40 3.21
N SER A 137 -3.56 3.97 2.10
CA SER A 137 -4.05 5.24 1.61
C SER A 137 -5.36 5.04 0.85
N LEU A 138 -5.33 4.17 -0.15
CA LEU A 138 -6.50 3.91 -0.97
C LEU A 138 -7.69 3.30 -0.21
N MET A 139 -7.42 2.45 0.77
CA MET A 139 -8.52 1.84 1.52
C MET A 139 -9.25 2.90 2.32
N ARG A 140 -8.68 4.09 2.41
CA ARG A 140 -9.30 5.18 3.13
C ARG A 140 -9.72 6.29 2.18
N GLU A 141 -9.68 5.98 0.88
CA GLU A 141 -10.04 6.92 -0.18
C GLU A 141 -11.51 6.77 -0.59
N PRO A 142 -12.35 7.78 -0.30
CA PRO A 142 -13.77 7.77 -0.63
C PRO A 142 -14.07 7.28 -2.05
N GLU A 143 -13.21 7.68 -2.99
CA GLU A 143 -13.36 7.32 -4.38
C GLU A 143 -13.31 5.80 -4.62
N ALA A 144 -12.57 5.10 -3.78
CA ALA A 144 -12.47 3.64 -3.93
C ALA A 144 -13.84 3.00 -3.75
N TYR A 145 -14.60 3.48 -2.78
CA TYR A 145 -15.92 2.94 -2.49
C TYR A 145 -17.03 3.53 -3.36
N GLU A 146 -16.74 4.66 -4.01
CA GLU A 146 -17.73 5.30 -4.86
C GLU A 146 -17.74 4.64 -6.25
N LYS A 147 -16.55 4.45 -6.83
CA LYS A 147 -16.43 3.87 -8.16
C LYS A 147 -16.49 2.34 -8.24
N PHE A 148 -16.47 1.66 -7.10
CA PHE A 148 -16.49 0.20 -7.13
C PHE A 148 -17.50 -0.43 -6.16
N ASP A 149 -17.90 -1.65 -6.45
CA ASP A 149 -18.86 -2.35 -5.59
C ASP A 149 -18.12 -3.10 -4.50
N GLU A 150 -16.94 -3.61 -4.83
CA GLU A 150 -16.13 -4.34 -3.87
C GLU A 150 -14.68 -3.91 -3.99
N VAL A 151 -13.98 -3.97 -2.87
CA VAL A 151 -12.55 -3.65 -2.80
C VAL A 151 -11.94 -4.84 -2.09
N ILE A 152 -11.02 -5.53 -2.77
CA ILE A 152 -10.38 -6.68 -2.18
C ILE A 152 -8.94 -6.37 -1.81
N MET A 153 -8.63 -6.51 -0.52
CA MET A 153 -7.29 -6.25 -0.05
C MET A 153 -6.56 -7.52 0.34
N MET A 154 -5.67 -7.97 -0.55
CA MET A 154 -4.86 -9.15 -0.28
C MET A 154 -3.49 -8.66 0.19
N HIS A 155 -3.11 -9.05 1.40
CA HIS A 155 -1.82 -8.64 1.94
C HIS A 155 -1.10 -9.89 2.42
N ALA A 156 0.00 -10.22 1.74
CA ALA A 156 0.79 -11.40 2.10
C ALA A 156 2.15 -11.02 2.68
N CYS A 157 2.47 -11.59 3.86
CA CYS A 157 3.75 -11.34 4.52
C CYS A 157 4.29 -12.66 5.04
N ARG A 158 5.54 -12.66 5.47
CA ARG A 158 6.16 -13.86 6.01
C ARG A 158 5.61 -14.20 7.38
N THR A 159 5.41 -13.19 8.22
CA THR A 159 4.95 -13.40 9.59
C THR A 159 3.70 -12.62 9.96
N VAL A 160 3.00 -13.10 10.99
CA VAL A 160 1.77 -12.46 11.45
C VAL A 160 1.97 -11.02 11.90
N ALA A 161 3.03 -10.75 12.65
CA ALA A 161 3.29 -9.40 13.14
C ALA A 161 3.37 -8.35 12.03
N GLU A 162 3.82 -8.74 10.85
CA GLU A 162 3.93 -7.81 9.73
C GLU A 162 2.58 -7.36 9.20
N LEU A 163 1.54 -8.13 9.53
CA LEU A 163 0.18 -7.82 9.09
C LEU A 163 -0.57 -6.86 10.00
N GLU A 164 -0.04 -6.64 11.20
CA GLU A 164 -0.68 -5.81 12.23
C GLU A 164 -1.11 -4.40 11.81
N TYR A 165 -0.19 -3.64 11.22
CA TYR A 165 -0.51 -2.29 10.79
C TYR A 165 -1.75 -2.35 9.90
N GLY A 166 -1.71 -3.24 8.90
CA GLY A 166 -2.85 -3.37 8.01
C GLY A 166 -4.08 -3.91 8.73
N ARG A 167 -3.89 -4.88 9.62
CA ARG A 167 -5.04 -5.45 10.33
C ARG A 167 -5.81 -4.39 11.08
N GLN A 168 -5.09 -3.59 11.87
CA GLN A 168 -5.70 -2.54 12.66
C GLN A 168 -6.38 -1.48 11.80
N LEU A 169 -5.76 -1.16 10.67
CA LEU A 169 -6.33 -0.18 9.77
C LEU A 169 -7.68 -0.70 9.27
N VAL A 170 -7.68 -1.91 8.73
CA VAL A 170 -8.90 -2.52 8.23
C VAL A 170 -9.93 -2.61 9.36
N GLU A 171 -9.47 -2.92 10.57
CA GLU A 171 -10.36 -3.02 11.72
C GLU A 171 -10.99 -1.67 12.05
N ALA A 172 -10.17 -0.63 12.09
CA ALA A 172 -10.66 0.71 12.40
C ALA A 172 -11.69 1.18 11.37
N LEU A 173 -11.56 0.73 10.13
CA LEU A 173 -12.50 1.14 9.10
C LEU A 173 -13.85 0.44 9.28
N GLN A 174 -13.83 -0.89 9.29
CA GLN A 174 -15.03 -1.69 9.44
C GLN A 174 -15.76 -1.51 10.76
N GLU A 175 -15.19 -0.73 11.68
CA GLU A 175 -15.81 -0.51 12.98
C GLU A 175 -16.20 0.92 13.27
N ASP A 176 -15.78 1.87 12.44
CA ASP A 176 -16.13 3.26 12.67
C ASP A 176 -17.64 3.45 12.81
N PRO A 177 -18.07 4.22 13.82
CA PRO A 177 -19.49 4.49 14.11
C PRO A 177 -20.27 5.01 12.91
N LEU A 178 -19.61 5.80 12.07
CA LEU A 178 -20.25 6.39 10.90
C LEU A 178 -20.21 5.55 9.62
N ILE A 179 -19.01 5.21 9.15
CA ILE A 179 -18.88 4.45 7.92
C ILE A 179 -18.54 2.97 8.09
N GLY A 180 -18.68 2.45 9.31
CA GLY A 180 -18.38 1.05 9.56
C GLY A 180 -19.19 0.07 8.74
N GLU A 181 -20.51 0.14 8.85
CA GLU A 181 -21.39 -0.77 8.12
C GLU A 181 -21.17 -0.63 6.61
N LEU A 182 -20.93 0.60 6.17
CA LEU A 182 -20.70 0.89 4.76
C LEU A 182 -19.48 0.12 4.24
N VAL A 183 -18.36 0.31 4.91
CA VAL A 183 -17.11 -0.34 4.52
C VAL A 183 -17.18 -1.85 4.71
N GLU A 184 -17.75 -2.26 5.85
CA GLU A 184 -17.90 -3.66 6.20
C GLU A 184 -18.59 -4.41 5.05
N GLY A 185 -19.38 -3.68 4.27
CA GLY A 185 -20.08 -4.30 3.15
C GLY A 185 -19.32 -4.36 1.84
N LYS A 186 -18.34 -3.49 1.64
CA LYS A 186 -17.61 -3.50 0.38
C LYS A 186 -16.13 -3.88 0.47
N LEU A 187 -15.53 -3.75 1.64
CA LEU A 187 -14.11 -4.07 1.80
C LEU A 187 -13.91 -5.52 2.22
N LYS A 188 -13.18 -6.28 1.42
CA LYS A 188 -12.87 -7.67 1.74
C LYS A 188 -11.37 -7.79 2.00
N TYR A 189 -11.02 -7.95 3.28
CA TYR A 189 -9.64 -8.06 3.74
C TYR A 189 -9.20 -9.53 3.76
N TYR A 190 -8.15 -9.82 3.00
CA TYR A 190 -7.62 -11.18 2.89
C TYR A 190 -6.12 -11.26 3.20
N PRO A 191 -5.76 -11.26 4.49
CA PRO A 191 -4.36 -11.34 4.85
C PRO A 191 -3.86 -12.79 4.89
N THR A 192 -2.59 -13.01 4.58
CA THR A 192 -2.00 -14.34 4.64
C THR A 192 -0.55 -14.25 5.04
N THR A 193 -0.03 -15.35 5.57
CA THR A 193 1.37 -15.46 5.95
C THR A 193 1.91 -16.56 5.06
N THR A 194 3.22 -16.60 4.87
CA THR A 194 3.80 -17.65 4.05
C THR A 194 4.90 -18.35 4.80
N ARG A 195 5.24 -17.83 5.98
CA ARG A 195 6.31 -18.42 6.77
C ARG A 195 5.90 -18.82 8.18
N GLU A 196 4.75 -18.31 8.64
CA GLU A 196 4.23 -18.61 9.97
C GLU A 196 2.81 -19.16 9.87
N GLU A 197 2.38 -19.88 10.91
CA GLU A 197 1.04 -20.45 10.94
C GLU A 197 0.02 -19.32 11.14
N PHE A 198 -1.04 -19.32 10.33
CA PHE A 198 -2.08 -18.31 10.40
C PHE A 198 -3.32 -18.96 9.77
N HIS A 199 -4.53 -18.46 10.06
CA HIS A 199 -5.71 -19.12 9.50
C HIS A 199 -5.74 -19.12 7.98
N HIS A 200 -5.13 -18.12 7.35
CA HIS A 200 -5.07 -18.07 5.90
C HIS A 200 -3.60 -17.88 5.52
N MET A 201 -3.08 -18.79 4.70
CA MET A 201 -1.68 -18.72 4.30
C MET A 201 -1.50 -18.82 2.78
N GLY A 202 -0.27 -18.62 2.33
CA GLY A 202 0.02 -18.73 0.91
C GLY A 202 0.25 -17.42 0.18
N ARG A 203 1.08 -17.49 -0.86
CA ARG A 203 1.39 -16.31 -1.67
C ARG A 203 0.17 -15.83 -2.42
N ILE A 204 0.15 -14.55 -2.73
CA ILE A 204 -0.96 -13.97 -3.49
C ILE A 204 -1.03 -14.63 -4.86
N THR A 205 0.12 -14.85 -5.48
CA THR A 205 0.18 -15.48 -6.79
C THR A 205 -0.49 -16.86 -6.73
N ASP A 206 0.03 -17.73 -5.88
CA ASP A 206 -0.51 -19.07 -5.75
C ASP A 206 -2.01 -19.09 -5.45
N ASN A 207 -2.44 -18.28 -4.49
CA ASN A 207 -3.85 -18.25 -4.10
C ASN A 207 -4.79 -17.68 -5.14
N LEU A 208 -4.27 -16.87 -6.05
CA LEU A 208 -5.11 -16.30 -7.12
C LEU A 208 -5.16 -17.30 -8.26
N ALA A 209 -4.00 -17.88 -8.56
CA ALA A 209 -3.85 -18.87 -9.63
C ALA A 209 -4.64 -20.15 -9.37
N SER A 210 -4.56 -20.68 -8.14
CA SER A 210 -5.27 -21.92 -7.81
C SER A 210 -6.77 -21.70 -7.69
N GLY A 211 -7.16 -20.47 -7.42
CA GLY A 211 -8.57 -20.16 -7.25
C GLY A 211 -8.96 -20.17 -5.78
N LYS A 212 -8.02 -20.51 -4.90
CA LYS A 212 -8.31 -20.56 -3.46
C LYS A 212 -8.91 -19.28 -2.89
N VAL A 213 -8.41 -18.12 -3.29
CA VAL A 213 -8.95 -16.89 -2.72
C VAL A 213 -10.40 -16.64 -3.11
N PHE A 214 -10.77 -17.03 -4.33
CA PHE A 214 -12.14 -16.83 -4.78
C PHE A 214 -13.10 -17.67 -3.92
N GLU A 215 -12.63 -18.84 -3.51
CA GLU A 215 -13.42 -19.76 -2.70
C GLU A 215 -13.51 -19.30 -1.25
N ASP A 216 -12.38 -18.90 -0.68
CA ASP A 216 -12.36 -18.44 0.70
C ASP A 216 -13.24 -17.21 0.88
N LEU A 217 -13.27 -16.36 -0.15
CA LEU A 217 -14.04 -15.13 -0.07
C LEU A 217 -15.45 -15.24 -0.64
N GLY A 218 -15.78 -16.41 -1.18
CA GLY A 218 -17.11 -16.58 -1.72
C GLY A 218 -17.43 -15.59 -2.83
N ILE A 219 -16.52 -15.46 -3.79
CA ILE A 219 -16.73 -14.54 -4.91
C ILE A 219 -16.31 -15.16 -6.22
N ALA A 220 -16.83 -14.61 -7.32
CA ALA A 220 -16.54 -15.11 -8.65
C ALA A 220 -15.08 -14.89 -9.03
N PRO A 221 -14.55 -15.75 -9.91
CA PRO A 221 -13.17 -15.62 -10.35
C PRO A 221 -12.96 -14.30 -11.07
N MET A 222 -11.70 -13.92 -11.22
CA MET A 222 -11.28 -12.68 -11.86
C MET A 222 -11.69 -12.63 -13.34
N ASN A 223 -12.26 -11.50 -13.78
CA ASN A 223 -12.64 -11.34 -15.18
C ASN A 223 -12.34 -9.91 -15.65
N PRO A 224 -11.88 -9.76 -16.91
CA PRO A 224 -11.53 -8.49 -17.55
C PRO A 224 -12.60 -7.42 -17.52
N GLU A 225 -13.86 -7.82 -17.68
CA GLU A 225 -14.98 -6.88 -17.69
C GLU A 225 -15.23 -6.16 -16.37
N THR A 226 -15.11 -6.86 -15.24
CA THR A 226 -15.41 -6.23 -13.96
C THR A 226 -14.24 -5.99 -13.00
N ASP A 227 -13.13 -6.70 -13.19
CA ASP A 227 -12.02 -6.56 -12.26
C ASP A 227 -10.85 -5.66 -12.65
N ARG A 228 -10.41 -4.87 -11.67
CA ARG A 228 -9.29 -3.95 -11.82
C ARG A 228 -8.38 -4.20 -10.62
N ALA A 229 -7.07 -4.23 -10.83
CA ALA A 229 -6.14 -4.47 -9.74
C ALA A 229 -4.92 -3.56 -9.73
N MET A 230 -4.41 -3.32 -8.52
CA MET A 230 -3.21 -2.52 -8.31
C MET A 230 -2.24 -3.47 -7.61
N VAL A 231 -1.03 -3.58 -8.16
CA VAL A 231 0.00 -4.49 -7.63
C VAL A 231 1.17 -3.74 -6.98
N CYS A 232 1.58 -4.17 -5.79
CA CYS A 232 2.71 -3.50 -5.12
C CYS A 232 3.49 -4.41 -4.19
N GLY A 233 4.65 -4.84 -4.67
CA GLY A 233 5.53 -5.71 -3.89
C GLY A 233 6.90 -5.70 -4.55
N SER A 234 7.70 -6.73 -4.30
CA SER A 234 9.03 -6.80 -4.90
C SER A 234 8.90 -6.98 -6.40
N LEU A 235 9.97 -6.73 -7.15
CA LEU A 235 9.93 -6.87 -8.59
C LEU A 235 9.51 -8.29 -9.00
N ALA A 236 10.13 -9.30 -8.38
CA ALA A 236 9.80 -10.68 -8.68
C ALA A 236 8.31 -10.95 -8.48
N PHE A 237 7.77 -10.42 -7.38
CA PHE A 237 6.36 -10.56 -7.04
C PHE A 237 5.51 -9.89 -8.11
N ASN A 238 5.89 -8.67 -8.49
CA ASN A 238 5.16 -7.91 -9.49
C ASN A 238 5.07 -8.66 -10.82
N VAL A 239 6.16 -9.30 -11.23
CA VAL A 239 6.15 -10.03 -12.50
C VAL A 239 5.28 -11.29 -12.46
N ASP A 240 5.29 -11.99 -11.32
CA ASP A 240 4.48 -13.19 -11.18
C ASP A 240 3.00 -12.86 -11.09
N VAL A 241 2.66 -11.81 -10.37
CA VAL A 241 1.27 -11.41 -10.25
C VAL A 241 0.73 -10.98 -11.60
N MET A 242 1.58 -10.31 -12.39
CA MET A 242 1.15 -9.85 -13.70
C MET A 242 0.72 -11.00 -14.59
N LYS A 243 1.54 -12.04 -14.66
CA LYS A 243 1.21 -13.21 -15.46
C LYS A 243 -0.13 -13.81 -14.98
N VAL A 244 -0.28 -13.96 -13.66
CA VAL A 244 -1.51 -14.51 -13.11
C VAL A 244 -2.70 -13.66 -13.51
N LEU A 245 -2.55 -12.34 -13.40
CA LEU A 245 -3.65 -11.46 -13.75
C LEU A 245 -3.95 -11.62 -15.23
N GLU A 246 -2.88 -11.68 -16.04
CA GLU A 246 -3.02 -11.83 -17.48
C GLU A 246 -3.67 -13.18 -17.78
N SER A 247 -3.42 -14.18 -16.93
CA SER A 247 -4.02 -15.50 -17.13
C SER A 247 -5.54 -15.43 -17.00
N TYR A 248 -6.05 -14.35 -16.43
CA TYR A 248 -7.49 -14.19 -16.30
C TYR A 248 -8.01 -13.17 -17.31
N GLY A 249 -7.18 -12.87 -18.30
CA GLY A 249 -7.57 -11.92 -19.33
C GLY A 249 -7.35 -10.43 -19.05
N LEU A 250 -6.77 -10.09 -17.90
CA LEU A 250 -6.51 -8.68 -17.59
C LEU A 250 -5.24 -8.17 -18.27
N ARG A 251 -5.23 -6.90 -18.63
CA ARG A 251 -4.06 -6.31 -19.30
C ARG A 251 -3.54 -5.11 -18.53
N GLU A 252 -2.22 -4.94 -18.50
CA GLU A 252 -1.62 -3.81 -17.81
C GLU A 252 -2.04 -2.53 -18.53
N GLY A 253 -2.44 -1.52 -17.77
CA GLY A 253 -2.87 -0.28 -18.36
C GLY A 253 -1.83 0.82 -18.41
N ALA A 254 -2.25 2.01 -18.01
CA ALA A 254 -1.40 3.21 -17.98
C ALA A 254 -2.32 4.39 -17.66
N ASN A 255 -1.77 5.41 -17.01
CA ASN A 255 -2.57 6.58 -16.66
C ASN A 255 -3.09 7.23 -17.95
N SER A 256 -2.33 7.08 -19.03
CA SER A 256 -2.71 7.64 -20.33
C SER A 256 -3.76 6.77 -21.02
N GLU A 257 -3.51 5.46 -21.02
CA GLU A 257 -4.43 4.49 -21.62
C GLU A 257 -4.84 3.53 -20.50
N PRO A 258 -5.94 3.85 -19.79
CA PRO A 258 -6.44 3.03 -18.68
C PRO A 258 -6.90 1.63 -19.09
N ARG A 259 -6.45 0.62 -18.33
CA ARG A 259 -6.84 -0.76 -18.58
C ARG A 259 -7.26 -1.47 -17.30
N GLU A 260 -6.93 -2.76 -17.18
CA GLU A 260 -7.34 -3.53 -16.01
C GLU A 260 -6.42 -3.51 -14.80
N PHE A 261 -5.11 -3.37 -15.02
CA PHE A 261 -4.22 -3.36 -13.88
C PHE A 261 -2.98 -2.46 -13.99
N VAL A 262 -2.42 -2.15 -12.83
CA VAL A 262 -1.22 -1.30 -12.73
C VAL A 262 -0.26 -1.87 -11.69
N VAL A 263 1.03 -1.58 -11.84
CA VAL A 263 2.02 -2.08 -10.89
C VAL A 263 3.02 -1.02 -10.45
N GLU A 264 3.61 -1.22 -9.29
CA GLU A 264 4.61 -0.32 -8.73
C GLU A 264 5.49 -1.10 -7.76
N LYS A 265 6.81 -0.96 -7.90
CA LYS A 265 7.73 -1.66 -7.01
C LYS A 265 7.61 -1.11 -5.59
N ALA A 266 7.50 -2.02 -4.62
CA ALA A 266 7.40 -1.61 -3.23
C ALA A 266 8.77 -1.14 -2.77
N PHE A 267 9.79 -1.63 -3.47
CA PHE A 267 11.18 -1.29 -3.20
C PHE A 267 12.02 -1.86 -4.35
N VAL A 268 13.28 -1.44 -4.42
CA VAL A 268 14.20 -1.91 -5.45
C VAL A 268 15.29 -2.75 -4.81
N GLY A 269 15.73 -3.80 -5.50
CA GLY A 269 16.79 -4.64 -4.94
C GLY A 269 16.39 -6.08 -4.63
N GLU A 270 17.25 -6.77 -3.87
CA GLU A 270 17.04 -8.16 -3.50
C GLU A 270 15.81 -8.46 -2.64
N GLY A 271 15.99 -8.49 -1.31
CA GLY A 271 14.86 -8.79 -0.44
C GLY A 271 14.82 -8.07 0.89
N ILE A 272 15.02 -8.82 1.98
CA ILE A 272 14.97 -8.30 3.34
C ILE A 272 13.52 -8.21 3.82
PA FAD B . 18.28 0.88 0.87
O1A FAD B . 17.44 1.65 0.02
O2A FAD B . 19.78 0.95 0.57
O5B FAD B . 17.95 -0.65 0.56
C5B FAD B . 18.76 -1.67 1.05
C4B FAD B . 17.87 -2.92 0.84
O4B FAD B . 16.74 -3.08 1.73
C3B FAD B . 17.20 -2.83 -0.53
O3B FAD B . 18.15 -3.14 -1.51
C2B FAD B . 16.07 -3.85 -0.50
O2B FAD B . 16.62 -5.16 -0.76
C1B FAD B . 15.67 -3.61 0.97
N9A FAD B . 14.52 -2.68 1.12
C8A FAD B . 14.45 -1.35 0.97
N7A FAD B . 13.21 -0.92 1.23
C5A FAD B . 12.45 -2.03 1.52
C6A FAD B . 11.11 -2.18 1.87
N6A FAD B . 10.23 -1.26 1.74
N1A FAD B . 10.66 -3.42 2.13
C2A FAD B . 11.48 -4.51 2.11
N3A FAD B . 12.83 -4.37 1.76
C4A FAD B . 13.28 -3.12 1.46
N1 FAD B . 9.80 1.66 1.50
C2 FAD B . 9.05 1.71 2.62
O2 FAD B . 9.54 1.32 3.69
N3 FAD B . 7.82 2.27 2.56
C4 FAD B . 7.26 2.71 1.38
O4 FAD B . 6.15 3.30 1.40
C4X FAD B . 8.05 2.61 0.26
N5 FAD B . 7.59 3.08 -0.93
C5X FAD B . 8.39 2.90 -2.06
C6 FAD B . 7.98 3.37 -3.36
C7 FAD B . 8.70 3.25 -4.55
C7M FAD B . 8.01 3.64 -5.78
C8 FAD B . 10.02 2.69 -4.44
C8M FAD B . 10.99 2.42 -5.57
C9 FAD B . 10.46 2.27 -3.20
C9A FAD B . 9.70 2.40 -2.00
N10 FAD B . 10.20 1.93 -0.78
C10 FAD B . 9.34 2.09 0.35
C1' FAD B . 11.66 1.69 -0.55
C2' FAD B . 12.32 3.04 -0.13
O2' FAD B . 12.40 3.95 -1.21
C3' FAD B . 13.67 2.85 0.42
O3' FAD B . 14.39 1.79 -0.21
C4' FAD B . 13.70 2.50 1.99
O4' FAD B . 13.44 3.68 2.68
C5' FAD B . 15.00 1.87 2.45
O5' FAD B . 16.01 2.84 2.39
P FAD B . 17.47 2.58 2.98
O1P FAD B . 18.33 3.72 2.50
O2P FAD B . 17.41 2.47 4.57
O3P FAD B . 17.96 1.20 2.47
PA NAP C . 9.56 -10.59 0.35
O1A NAP C . 10.34 -9.67 1.27
O2A NAP C . 9.65 -9.89 -1.09
O5B NAP C . 7.98 -10.04 0.71
C5B NAP C . 7.17 -10.73 1.59
C4B NAP C . 6.25 -11.78 0.90
O4B NAP C . 6.10 -11.84 -0.54
C3B NAP C . 6.52 -13.20 1.41
O3B NAP C . 5.25 -13.72 1.85
C2B NAP C . 6.98 -13.95 0.18
O2B NAP C . 6.52 -15.26 0.32
C1B NAP C . 6.20 -13.19 -0.90
N9A NAP C . 6.90 -13.39 -2.18
C8A NAP C . 8.29 -13.34 -2.41
N7A NAP C . 8.47 -13.66 -3.70
C5A NAP C . 7.28 -13.86 -4.32
C6A NAP C . 6.94 -14.13 -5.66
N6A NAP C . 7.92 -14.25 -6.54
N1A NAP C . 5.59 -14.30 -5.98
C2A NAP C . 4.64 -14.15 -4.97
N3A NAP C . 4.97 -13.87 -3.68
C4A NAP C . 6.24 -13.72 -3.36
O3 NAP C . 9.80 -12.28 0.60
PN NAP C . 11.33 -13.07 0.55
O1N NAP C . 12.08 -12.01 -0.19
O2N NAP C . 11.48 -14.43 -0.08
O5D NAP C . 11.57 -13.05 2.19
C5D NAP C . 12.76 -12.90 2.96
C4D NAP C . 13.33 -14.30 2.90
O4D NAP C . 14.07 -14.56 1.67
C3D NAP C . 14.17 -14.60 4.13
O3D NAP C . 13.53 -15.62 4.92
C2D NAP C . 15.55 -15.08 3.65
O2D NAP C . 15.87 -16.28 4.43
C1D NAP C . 15.36 -15.17 2.08
N1N NAP C . 16.50 -14.42 1.39
C2N NAP C . 17.43 -15.21 0.67
C3N NAP C . 18.54 -14.61 0.06
C7N NAP C . 19.57 -15.41 -0.78
O7N NAP C . 19.40 -16.87 -0.95
N7N NAP C . 20.57 -14.68 -1.37
C4N NAP C . 18.67 -13.18 0.22
C5N NAP C . 17.71 -12.42 0.99
C6N NAP C . 16.60 -13.03 1.61
P2B NAP C . 7.49 -16.45 0.49
O1X NAP C . 8.60 -15.82 -0.14
O2X NAP C . 7.93 -16.42 1.96
O3X NAP C . 7.08 -17.90 -0.01
C1 HTG D . -7.87 6.44 10.95
S1 HTG D . -8.51 4.71 10.89
C2 HTG D . -6.61 6.64 11.84
O2 HTG D . -6.86 6.06 13.10
C3 HTG D . -6.40 8.18 11.95
O3 HTG D . -5.27 8.50 12.76
C4 HTG D . -6.13 8.75 10.54
O4 HTG D . -5.95 10.16 10.67
C5 HTG D . -7.35 8.43 9.61
O5 HTG D . -7.67 7.02 9.65
C6 HTG D . -7.17 8.75 8.11
O6 HTG D . -6.11 7.95 7.52
C1' HTG D . -9.68 4.74 9.54
C2' HTG D . -11.16 4.89 9.86
C3' HTG D . -11.64 6.37 9.72
C4' HTG D . -12.70 6.74 8.63
C5' HTG D . -13.23 8.19 8.67
C6' HTG D . -13.33 8.81 10.09
C7' HTG D . -14.28 10.03 10.16
#